data_7XEJ
#
_entry.id   7XEJ
#
_cell.length_a   92.900
_cell.length_b   92.900
_cell.length_c   129.400
_cell.angle_alpha   90.000
_cell.angle_beta   90.000
_cell.angle_gamma   120.000
#
_symmetry.space_group_name_H-M   'P 31 2 1'
#
loop_
_entity.id
_entity.type
_entity.pdbx_description
1 polymer 'Cysteine desulfurase SufS'
2 non-polymer '(2~{S})-2-[(~{E})-[2-methyl-3-oxidanyl-5-(phosphonooxymethyl)pyridin-4-yl]methylideneamino]-3-sulfanyl-propanoic acid'
3 non-polymer 1,2-ETHANEDIOL
4 non-polymer DI(HYDROXYETHYL)ETHER
5 non-polymer 'TRIETHYLENE GLYCOL'
6 water water
#
_entity_poly.entity_id   1
_entity_poly.type   'polypeptide(L)'
_entity_poly.pdbx_seq_one_letter_code
;MGHMNITDIREQFPILHQQVNGHDLVYLDSAATSQKPRAVIETLDKYYNQYNSNVHRGVHTLGTRATDGYEGAREKVRKF
INAKSMAEIIFTKGTTTSLNMVALSYARANLKPGDEVVITYMEHHANIIPWQQAVKATGATLKYIPLQEDGTISLEDVRE
TVTSNTKIVAVSHVSNVLGTVNPIKEMAKIAHDNGAVIVVDGAQSTPHMKIDVQDLDCDFFALSSHKMCGPTGVGVLYGK
KALLENMEPAEFGGEMIDFVGLYESTWKELPWKFEAGTPIIAGAIGLGAAIDFLEEIGLDEISRHEHKLAAYALERFRQL
DGVTVYGPEERAGLVTFNLDDVHPHDVATVLDAEGIAVRAGHHCAQPLMKWLDVTATARASFYLYNTEEEIDKLVEALQK
TKEYFTNVFVDLEHHHHHH
;
_entity_poly.pdbx_strand_id   A
#
loop_
_chem_comp.id
_chem_comp.type
_chem_comp.name
_chem_comp.formula
9PV non-polymer '(2~{S})-2-[(~{E})-[2-methyl-3-oxidanyl-5-(phosphonooxymethyl)pyridin-4-yl]methylideneamino]-3-sulfanyl-propanoic acid' 'C11 H15 N2 O7 P S'
EDO non-polymer 1,2-ETHANEDIOL 'C2 H6 O2'
PEG non-polymer DI(HYDROXYETHYL)ETHER 'C4 H10 O3'
PGE non-polymer 'TRIETHYLENE GLYCOL' 'C6 H14 O4'
#
# COMPACT_ATOMS: atom_id res chain seq x y z
N MET A 4 -15.15 -16.52 -10.52
CA MET A 4 -13.75 -15.93 -10.69
C MET A 4 -12.82 -16.96 -11.33
N ASN A 5 -12.40 -16.78 -12.59
CA ASN A 5 -11.68 -17.85 -13.26
C ASN A 5 -10.20 -17.40 -13.44
N ILE A 6 -9.24 -18.08 -12.80
CA ILE A 6 -7.89 -17.51 -12.72
C ILE A 6 -7.20 -17.65 -14.06
N THR A 7 -7.54 -18.70 -14.86
CA THR A 7 -7.04 -18.78 -16.22
C THR A 7 -7.43 -17.54 -17.03
N ASP A 8 -8.70 -17.14 -17.00
CA ASP A 8 -9.13 -16.03 -17.83
C ASP A 8 -8.50 -14.72 -17.29
N ILE A 9 -8.31 -14.58 -15.97
CA ILE A 9 -7.69 -13.38 -15.40
C ILE A 9 -6.22 -13.36 -15.83
N ARG A 10 -5.50 -14.49 -15.70
CA ARG A 10 -4.06 -14.50 -16.06
C ARG A 10 -3.85 -14.19 -17.54
N GLU A 11 -4.82 -14.58 -18.39
CA GLU A 11 -4.66 -14.30 -19.82
C GLU A 11 -4.60 -12.79 -20.08
N GLN A 12 -5.10 -11.95 -19.19
CA GLN A 12 -5.12 -10.50 -19.35
CA GLN A 12 -5.08 -10.52 -19.45
C GLN A 12 -3.80 -9.81 -19.00
N PHE A 13 -2.85 -10.54 -18.38
CA PHE A 13 -1.58 -9.94 -17.91
C PHE A 13 -0.43 -10.45 -18.77
N PRO A 14 -0.03 -9.72 -19.83
CA PRO A 14 0.98 -10.22 -20.74
C PRO A 14 2.27 -10.57 -20.05
N ILE A 15 2.63 -9.85 -18.98
CA ILE A 15 3.96 -10.07 -18.39
C ILE A 15 4.09 -11.50 -17.76
N LEU A 16 2.97 -12.16 -17.44
CA LEU A 16 3.10 -13.43 -16.70
C LEU A 16 3.60 -14.52 -17.63
N HIS A 17 3.51 -14.25 -18.96
CA HIS A 17 3.67 -15.35 -19.92
C HIS A 17 5.11 -15.34 -20.46
N GLN A 18 6.11 -15.58 -19.61
CA GLN A 18 7.48 -15.60 -20.09
C GLN A 18 8.28 -16.46 -19.13
N GLN A 19 9.49 -16.82 -19.59
CA GLN A 19 10.41 -17.60 -18.73
C GLN A 19 11.52 -16.74 -18.18
N VAL A 20 11.97 -17.11 -16.99
CA VAL A 20 13.14 -16.52 -16.39
C VAL A 20 14.11 -17.67 -16.07
N ASN A 21 15.38 -17.54 -16.52
CA ASN A 21 16.39 -18.59 -16.23
C ASN A 21 15.89 -19.96 -16.72
N GLY A 22 15.14 -19.99 -17.81
CA GLY A 22 14.66 -21.26 -18.37
C GLY A 22 13.50 -21.88 -17.64
N HIS A 23 12.76 -21.15 -16.77
CA HIS A 23 11.62 -21.73 -16.09
C HIS A 23 10.45 -20.76 -16.24
N ASP A 24 9.22 -21.26 -16.23
CA ASP A 24 8.11 -20.32 -16.29
C ASP A 24 8.21 -19.38 -15.08
N LEU A 25 7.94 -18.09 -15.38
CA LEU A 25 7.96 -17.11 -14.32
C LEU A 25 6.88 -17.43 -13.29
N VAL A 26 7.26 -17.30 -11.98
CA VAL A 26 6.25 -17.42 -10.91
C VAL A 26 6.47 -16.12 -10.09
N TYR A 27 5.57 -15.18 -10.35
CA TYR A 27 5.74 -13.84 -9.74
C TYR A 27 4.96 -13.81 -8.42
N LEU A 28 5.71 -13.78 -7.29
CA LEU A 28 5.09 -13.80 -5.96
C LEU A 28 5.63 -12.57 -5.20
N ASP A 29 5.60 -11.43 -5.92
CA ASP A 29 6.10 -10.19 -5.32
C ASP A 29 5.13 -9.02 -5.52
N SER A 30 3.82 -9.30 -5.48
CA SER A 30 2.84 -8.24 -5.70
C SER A 30 2.73 -7.29 -4.56
N ALA A 31 3.16 -7.66 -3.33
CA ALA A 31 3.22 -6.61 -2.29
C ALA A 31 4.34 -5.61 -2.56
N ALA A 32 5.37 -5.94 -3.39
CA ALA A 32 6.35 -4.91 -3.82
C ALA A 32 5.72 -4.12 -4.98
N THR A 33 5.21 -4.80 -6.01
CA THR A 33 4.36 -4.06 -6.95
C THR A 33 3.54 -5.10 -7.69
N SER A 34 2.36 -4.62 -8.19
CA SER A 34 1.51 -5.53 -8.92
C SER A 34 1.81 -5.44 -10.43
N GLN A 35 1.35 -6.47 -11.11
CA GLN A 35 1.38 -6.48 -12.59
C GLN A 35 0.07 -5.90 -13.13
N LYS A 36 0.10 -5.50 -14.42
CA LYS A 36 -1.04 -4.78 -14.99
C LYS A 36 -1.71 -5.61 -16.07
N PRO A 37 -3.03 -5.47 -16.21
CA PRO A 37 -3.79 -6.17 -17.27
C PRO A 37 -3.80 -5.31 -18.54
N ARG A 38 -4.06 -5.94 -19.69
CA ARG A 38 -4.11 -5.17 -20.92
C ARG A 38 -5.11 -4.02 -20.81
N ALA A 39 -6.17 -4.16 -20.02
CA ALA A 39 -7.08 -3.00 -20.01
C ALA A 39 -6.40 -1.72 -19.47
N VAL A 40 -5.42 -1.84 -18.57
CA VAL A 40 -4.80 -0.63 -18.07
C VAL A 40 -3.73 -0.18 -19.03
N ILE A 41 -2.89 -1.10 -19.52
CA ILE A 41 -1.82 -0.69 -20.45
C ILE A 41 -2.42 -0.06 -21.71
N GLU A 42 -3.54 -0.63 -22.23
CA GLU A 42 -4.14 -0.05 -23.44
C GLU A 42 -4.85 1.27 -23.11
N THR A 43 -5.22 1.51 -21.83
CA THR A 43 -5.79 2.85 -21.52
C THR A 43 -4.68 3.91 -21.63
N LEU A 44 -3.46 3.57 -21.17
CA LEU A 44 -2.38 4.55 -21.32
C LEU A 44 -2.03 4.76 -22.79
N ASP A 45 -2.06 3.66 -23.55
CA ASP A 45 -1.75 3.81 -24.98
C ASP A 45 -2.78 4.66 -25.71
N LYS A 46 -4.06 4.45 -25.39
CA LYS A 46 -5.11 5.24 -26.04
C LYS A 46 -4.96 6.72 -25.64
N TYR A 47 -4.62 6.96 -24.38
CA TYR A 47 -4.43 8.36 -23.97
C TYR A 47 -3.33 9.02 -24.82
N TYR A 48 -2.11 8.39 -24.88
CA TYR A 48 -1.03 9.07 -25.59
C TYR A 48 -1.23 9.03 -27.11
N ASN A 49 -1.91 7.99 -27.61
CA ASN A 49 -2.13 7.92 -29.09
C ASN A 49 -3.25 8.83 -29.52
N GLN A 50 -4.20 9.18 -28.62
CA GLN A 50 -5.41 9.82 -29.16
C GLN A 50 -5.79 11.13 -28.48
N TYR A 51 -5.62 11.30 -27.16
CA TYR A 51 -6.26 12.53 -26.64
C TYR A 51 -5.40 13.25 -25.55
N ASN A 52 -4.08 12.97 -25.48
CA ASN A 52 -3.19 13.69 -24.54
C ASN A 52 -3.30 15.20 -24.83
N SER A 53 -3.43 15.98 -23.75
CA SER A 53 -3.37 17.45 -23.79
C SER A 53 -3.38 17.84 -22.31
N ASN A 54 -3.01 19.10 -22.02
CA ASN A 54 -3.06 19.51 -20.63
C ASN A 54 -4.55 19.77 -20.24
N VAL A 55 -4.81 19.73 -18.89
CA VAL A 55 -6.20 19.62 -18.44
C VAL A 55 -6.64 20.94 -17.81
N HIS A 56 -7.96 21.11 -17.76
CA HIS A 56 -8.66 22.21 -17.10
C HIS A 56 -8.58 23.48 -17.99
N ARG A 57 -9.38 24.53 -17.73
CA ARG A 57 -9.48 25.61 -18.76
C ARG A 57 -9.56 25.06 -20.20
N GLY A 58 -10.44 24.06 -20.42
CA GLY A 58 -10.52 23.33 -21.69
C GLY A 58 -11.02 24.26 -22.80
N VAL A 59 -10.25 24.45 -23.86
CA VAL A 59 -10.79 25.30 -24.92
C VAL A 59 -10.76 24.52 -26.21
N HIS A 60 -9.97 23.44 -26.19
CA HIS A 60 -9.92 22.72 -27.44
C HIS A 60 -10.34 21.27 -27.17
N THR A 61 -10.57 20.57 -28.26
CA THR A 61 -11.30 19.31 -28.16
C THR A 61 -10.41 18.27 -27.38
N LEU A 62 -9.19 18.11 -27.79
CA LEU A 62 -8.34 17.16 -27.01
C LEU A 62 -8.23 17.58 -25.53
N GLY A 63 -8.01 18.90 -25.26
CA GLY A 63 -7.94 19.32 -23.85
C GLY A 63 -9.18 18.88 -23.10
N THR A 64 -10.40 19.04 -23.70
CA THR A 64 -11.62 18.70 -23.00
C THR A 64 -11.65 17.19 -22.75
N ARG A 65 -11.26 16.38 -23.76
CA ARG A 65 -11.23 14.92 -23.56
C ARG A 65 -10.26 14.52 -22.45
N ALA A 66 -9.07 15.17 -22.47
CA ALA A 66 -8.16 14.76 -21.35
C ALA A 66 -8.69 15.21 -19.99
N THR A 67 -9.32 16.42 -19.93
CA THR A 67 -9.80 16.86 -18.64
C THR A 67 -10.90 15.93 -18.15
N ASP A 68 -11.81 15.57 -19.10
CA ASP A 68 -12.94 14.72 -18.70
C ASP A 68 -12.39 13.35 -18.26
N GLY A 69 -11.32 12.84 -18.94
CA GLY A 69 -10.68 11.60 -18.49
C GLY A 69 -10.12 11.68 -17.06
N TYR A 70 -9.42 12.81 -16.77
CA TYR A 70 -8.74 12.94 -15.48
C TYR A 70 -9.82 13.12 -14.39
N GLU A 71 -10.79 14.06 -14.62
CA GLU A 71 -11.71 14.21 -13.50
C GLU A 71 -12.66 12.99 -13.42
N GLY A 72 -12.93 12.36 -14.57
CA GLY A 72 -13.68 11.09 -14.57
C GLY A 72 -12.99 10.03 -13.70
N ALA A 73 -11.65 10.01 -13.72
CA ALA A 73 -11.00 8.99 -12.90
C ALA A 73 -11.09 9.37 -11.43
N ARG A 74 -11.10 10.69 -11.11
CA ARG A 74 -11.34 11.11 -9.73
C ARG A 74 -12.66 10.59 -9.21
N GLU A 75 -13.69 10.61 -10.05
CA GLU A 75 -15.02 10.12 -9.54
C GLU A 75 -14.94 8.59 -9.38
N LYS A 76 -14.27 7.91 -10.33
CA LYS A 76 -14.12 6.46 -10.13
C LYS A 76 -13.45 6.14 -8.77
N VAL A 77 -12.41 6.92 -8.38
CA VAL A 77 -11.78 6.66 -7.11
C VAL A 77 -12.76 6.94 -5.95
N ARG A 78 -13.44 8.09 -6.05
CA ARG A 78 -14.43 8.41 -4.99
C ARG A 78 -15.40 7.25 -4.77
N LYS A 79 -15.95 6.75 -5.87
CA LYS A 79 -16.91 5.67 -5.67
C LYS A 79 -16.28 4.37 -5.16
N PHE A 80 -15.05 4.12 -5.65
CA PHE A 80 -14.32 2.88 -5.29
C PHE A 80 -14.06 2.81 -3.76
N ILE A 81 -13.75 3.92 -3.07
CA ILE A 81 -13.51 3.89 -1.62
C ILE A 81 -14.73 4.43 -0.86
N ASN A 82 -15.81 4.74 -1.60
CA ASN A 82 -17.08 5.26 -1.01
C ASN A 82 -16.85 6.52 -0.20
N ALA A 83 -16.04 7.44 -0.76
CA ALA A 83 -15.96 8.77 -0.18
C ALA A 83 -17.24 9.52 -0.55
N LYS A 84 -17.57 10.57 0.26
CA LYS A 84 -18.81 11.32 -0.04
C LYS A 84 -18.64 12.27 -1.22
N SER A 85 -17.40 12.81 -1.45
CA SER A 85 -17.24 13.81 -2.48
C SER A 85 -15.86 13.74 -3.15
N MET A 86 -15.86 14.13 -4.42
CA MET A 86 -14.58 14.30 -5.16
C MET A 86 -13.67 15.30 -4.50
N ALA A 87 -14.24 16.26 -3.72
CA ALA A 87 -13.37 17.22 -3.03
C ALA A 87 -12.45 16.51 -2.05
N GLU A 88 -12.81 15.29 -1.63
CA GLU A 88 -12.00 14.58 -0.64
C GLU A 88 -10.99 13.64 -1.30
N ILE A 89 -10.92 13.66 -2.64
CA ILE A 89 -10.01 12.71 -3.34
C ILE A 89 -8.90 13.56 -3.99
N ILE A 90 -7.67 13.40 -3.51
CA ILE A 90 -6.56 14.19 -4.09
C ILE A 90 -5.62 13.17 -4.76
N PHE A 91 -5.25 13.48 -6.01
CA PHE A 91 -4.26 12.62 -6.63
C PHE A 91 -2.86 13.04 -6.16
N THR A 92 -2.02 12.01 -5.87
CA THR A 92 -0.64 12.31 -5.41
C THR A 92 0.26 11.36 -6.17
N LYS A 93 1.60 11.40 -5.85
CA LYS A 93 2.44 10.42 -6.55
C LYS A 93 2.46 9.05 -5.87
N GLY A 94 1.78 8.86 -4.72
CA GLY A 94 1.80 7.51 -4.11
C GLY A 94 1.47 7.64 -2.61
N THR A 95 1.36 6.49 -1.97
CA THR A 95 0.98 6.46 -0.52
C THR A 95 1.98 7.36 0.21
N THR A 96 3.30 7.13 -0.09
CA THR A 96 4.27 7.87 0.72
C THR A 96 4.06 9.38 0.66
N THR A 97 3.90 9.93 -0.56
CA THR A 97 3.63 11.36 -0.63
C THR A 97 2.31 11.71 0.06
N SER A 98 1.24 10.90 -0.06
CA SER A 98 -0.02 11.20 0.62
C SER A 98 0.20 11.31 2.14
N LEU A 99 0.95 10.34 2.72
CA LEU A 99 1.17 10.45 4.19
C LEU A 99 2.04 11.64 4.58
N ASN A 100 3.06 11.96 3.75
CA ASN A 100 3.82 13.18 4.02
C ASN A 100 2.96 14.44 3.95
N MET A 101 1.96 14.48 3.03
CA MET A 101 1.14 15.70 2.96
C MET A 101 0.37 15.85 4.28
N VAL A 102 -0.19 14.75 4.83
CA VAL A 102 -0.89 14.89 6.11
C VAL A 102 0.10 15.35 7.18
N ALA A 103 1.31 14.75 7.21
CA ALA A 103 2.27 15.15 8.27
C ALA A 103 2.69 16.61 8.10
N LEU A 104 2.84 17.13 6.88
CA LEU A 104 3.24 18.52 6.73
C LEU A 104 2.10 19.49 6.92
N SER A 105 0.92 19.24 6.32
CA SER A 105 -0.16 20.21 6.30
C SER A 105 -1.10 20.05 7.50
N TYR A 106 -1.23 18.85 8.05
CA TYR A 106 -2.16 18.71 9.18
C TYR A 106 -1.34 18.62 10.46
N ALA A 107 -0.36 17.69 10.55
CA ALA A 107 0.30 17.53 11.85
C ALA A 107 1.11 18.76 12.26
N ARG A 108 1.93 19.28 11.35
CA ARG A 108 2.82 20.37 11.76
C ARG A 108 2.02 21.63 12.06
N ALA A 109 0.72 21.72 11.65
CA ALA A 109 -0.14 22.86 11.97
C ALA A 109 -0.88 22.65 13.29
N ASN A 110 -0.96 21.40 13.76
CA ASN A 110 -1.90 21.08 14.80
C ASN A 110 -1.18 20.43 16.00
N LEU A 111 0.17 20.39 16.01
CA LEU A 111 0.76 19.76 17.20
C LEU A 111 1.46 20.84 18.04
N LYS A 112 1.40 20.69 19.36
CA LYS A 112 2.14 21.60 20.26
C LYS A 112 2.93 20.72 21.24
N PRO A 113 3.85 21.28 22.07
CA PRO A 113 4.41 20.48 23.15
C PRO A 113 3.30 19.85 23.98
N GLY A 114 3.51 18.61 24.38
CA GLY A 114 2.54 17.86 25.16
C GLY A 114 1.59 16.99 24.33
N ASP A 115 1.36 17.35 23.05
CA ASP A 115 0.51 16.56 22.16
C ASP A 115 1.24 15.28 21.73
N GLU A 116 0.46 14.22 21.43
CA GLU A 116 1.06 12.97 21.05
C GLU A 116 0.63 12.59 19.62
N VAL A 117 1.56 11.92 18.92
CA VAL A 117 1.16 11.19 17.70
C VAL A 117 1.39 9.73 18.10
N VAL A 118 0.39 8.86 17.86
CA VAL A 118 0.53 7.48 18.26
C VAL A 118 0.57 6.59 17.01
N ILE A 119 1.60 5.74 16.86
CA ILE A 119 1.67 4.82 15.74
C ILE A 119 1.88 3.41 16.33
N THR A 120 2.38 2.46 15.55
CA THR A 120 2.50 1.06 16.02
C THR A 120 3.86 0.55 15.60
N TYR A 121 4.32 -0.54 16.27
CA TYR A 121 5.62 -1.06 15.84
C TYR A 121 5.59 -1.75 14.48
N MET A 122 4.42 -2.00 13.87
CA MET A 122 4.49 -2.74 12.61
C MET A 122 4.44 -1.76 11.44
N GLU A 123 4.48 -0.46 11.71
CA GLU A 123 4.32 0.50 10.56
C GLU A 123 5.45 0.42 9.54
N HIS A 124 5.06 0.66 8.27
CA HIS A 124 6.10 0.85 7.24
C HIS A 124 6.74 2.22 7.49
N HIS A 125 7.97 2.42 7.03
CA HIS A 125 8.65 3.71 7.16
C HIS A 125 7.84 4.94 6.69
N ALA A 126 7.05 4.77 5.64
CA ALA A 126 6.31 5.90 5.12
C ALA A 126 5.28 6.36 6.18
N ASN A 127 4.88 5.46 7.10
CA ASN A 127 3.95 5.84 8.16
C ASN A 127 4.70 5.89 9.51
N ILE A 128 6.02 6.14 9.46
CA ILE A 128 6.84 6.42 10.67
C ILE A 128 7.58 7.74 10.52
N ILE A 129 8.42 7.83 9.48
CA ILE A 129 9.38 8.93 9.40
C ILE A 129 8.66 10.26 9.28
N PRO A 130 7.56 10.44 8.47
CA PRO A 130 6.97 11.79 8.46
C PRO A 130 6.51 12.26 9.85
N TRP A 131 6.05 11.29 10.70
CA TRP A 131 5.62 11.68 12.06
C TRP A 131 6.82 11.97 12.97
N GLN A 132 7.89 11.17 12.83
CA GLN A 132 9.13 11.52 13.60
C GLN A 132 9.52 12.95 13.28
N GLN A 133 9.45 13.35 11.98
CA GLN A 133 9.86 14.71 11.65
C GLN A 133 8.86 15.75 12.12
N ALA A 134 7.58 15.41 12.04
CA ALA A 134 6.56 16.37 12.45
C ALA A 134 6.62 16.57 13.97
N VAL A 135 6.87 15.52 14.72
CA VAL A 135 6.91 15.78 16.18
C VAL A 135 8.20 16.55 16.56
N LYS A 136 9.32 16.28 15.88
CA LYS A 136 10.54 17.04 16.11
C LYS A 136 10.34 18.51 15.75
N ALA A 137 9.57 18.84 14.72
CA ALA A 137 9.39 20.20 14.27
C ALA A 137 8.55 20.94 15.28
N THR A 138 7.70 20.24 15.99
CA THR A 138 6.67 20.89 16.81
C THR A 138 6.95 20.72 18.31
N GLY A 139 7.92 19.90 18.69
CA GLY A 139 8.09 19.60 20.11
C GLY A 139 7.07 18.67 20.76
N ALA A 140 6.24 17.97 19.96
CA ALA A 140 5.26 17.01 20.38
C ALA A 140 5.95 15.71 20.78
N THR A 141 5.19 14.61 21.04
CA THR A 141 5.76 13.34 21.46
C THR A 141 5.25 12.21 20.54
N LEU A 142 6.14 11.32 20.12
CA LEU A 142 5.75 10.15 19.34
C LEU A 142 5.62 8.99 20.31
N LYS A 143 4.54 8.18 20.24
CA LYS A 143 4.31 6.99 21.05
C LYS A 143 3.93 5.79 20.18
N TYR A 144 4.31 4.59 20.65
CA TYR A 144 4.00 3.40 19.89
C TYR A 144 3.03 2.49 20.60
N ILE A 145 1.99 2.03 19.89
CA ILE A 145 1.16 0.95 20.43
C ILE A 145 1.95 -0.34 20.32
N PRO A 146 2.02 -1.13 21.40
CA PRO A 146 2.74 -2.42 21.33
C PRO A 146 1.93 -3.49 20.60
N LEU A 147 2.61 -4.60 20.19
CA LEU A 147 1.91 -5.66 19.48
C LEU A 147 1.79 -6.90 20.40
N GLN A 148 0.80 -7.71 20.11
CA GLN A 148 0.65 -9.02 20.77
C GLN A 148 1.65 -9.97 20.14
N GLU A 149 1.82 -11.17 20.76
CA GLU A 149 2.89 -12.04 20.33
C GLU A 149 2.67 -12.57 18.94
N ASP A 150 1.44 -12.64 18.42
CA ASP A 150 1.28 -13.08 17.04
C ASP A 150 1.38 -11.90 16.03
N GLY A 151 1.81 -10.71 16.45
CA GLY A 151 1.83 -9.58 15.51
C GLY A 151 0.45 -8.92 15.21
N THR A 152 -0.51 -8.97 16.14
CA THR A 152 -1.75 -8.24 16.06
C THR A 152 -1.82 -7.16 17.14
N ILE A 153 -2.81 -6.27 16.97
CA ILE A 153 -2.89 -5.19 17.96
C ILE A 153 -4.11 -5.46 18.80
N SER A 154 -3.96 -5.33 20.15
CA SER A 154 -5.19 -5.45 20.96
C SER A 154 -5.85 -4.08 21.18
N LEU A 155 -7.19 -4.00 21.15
CA LEU A 155 -7.84 -2.70 21.31
C LEU A 155 -7.61 -2.23 22.75
N GLU A 156 -7.32 -3.17 23.68
CA GLU A 156 -7.01 -2.68 25.01
C GLU A 156 -5.68 -1.91 25.04
N ASP A 157 -4.66 -2.39 24.30
CA ASP A 157 -3.42 -1.60 24.18
C ASP A 157 -3.63 -0.26 23.45
N VAL A 158 -4.52 -0.26 22.45
CA VAL A 158 -4.85 1.00 21.79
C VAL A 158 -5.43 1.98 22.83
N ARG A 159 -6.45 1.50 23.58
CA ARG A 159 -7.06 2.37 24.58
C ARG A 159 -6.03 2.88 25.60
N GLU A 160 -5.11 2.00 25.94
CA GLU A 160 -4.11 2.43 26.92
C GLU A 160 -3.13 3.46 26.36
N THR A 161 -2.71 3.29 25.07
CA THR A 161 -1.69 4.17 24.50
C THR A 161 -2.25 5.55 24.15
N VAL A 162 -3.46 5.55 23.58
CA VAL A 162 -4.09 6.77 23.12
C VAL A 162 -4.63 7.52 24.33
N THR A 163 -4.32 8.82 24.47
CA THR A 163 -4.79 9.55 25.65
C THR A 163 -5.50 10.83 25.19
N SER A 164 -5.97 11.64 26.16
CA SER A 164 -6.56 12.92 25.81
C SER A 164 -5.53 13.87 25.28
N ASN A 165 -4.23 13.57 25.35
CA ASN A 165 -3.28 14.47 24.73
C ASN A 165 -2.96 13.94 23.28
N THR A 166 -3.53 12.81 22.88
CA THR A 166 -3.22 12.31 21.53
C THR A 166 -3.98 13.15 20.47
N LYS A 167 -3.30 13.63 19.42
CA LYS A 167 -3.98 14.43 18.40
C LYS A 167 -4.08 13.61 17.09
N ILE A 168 -3.18 12.63 16.91
CA ILE A 168 -3.17 11.83 15.65
C ILE A 168 -2.84 10.41 16.03
N VAL A 169 -3.60 9.41 15.50
CA VAL A 169 -3.19 8.03 15.56
C VAL A 169 -2.95 7.64 14.08
N ALA A 170 -1.81 7.00 13.78
CA ALA A 170 -1.54 6.66 12.36
C ALA A 170 -1.23 5.17 12.36
N VAL A 171 -1.89 4.41 11.45
CA VAL A 171 -1.81 2.94 11.58
C VAL A 171 -2.04 2.35 10.21
N SER A 172 -1.38 1.22 9.93
CA SER A 172 -1.58 0.50 8.70
C SER A 172 -2.95 -0.18 8.70
N HIS A 173 -3.67 -0.22 7.57
CA HIS A 173 -4.83 -1.08 7.48
C HIS A 173 -4.37 -2.55 7.44
N VAL A 174 -3.44 -2.88 6.53
CA VAL A 174 -2.88 -4.22 6.47
C VAL A 174 -1.33 -4.10 6.49
N SER A 175 -0.68 -4.97 7.29
CA SER A 175 0.78 -4.92 7.33
C SER A 175 1.34 -5.62 6.09
N ASN A 176 2.35 -4.94 5.45
CA ASN A 176 3.06 -5.51 4.32
C ASN A 176 4.06 -6.59 4.75
N VAL A 177 4.20 -6.88 6.07
CA VAL A 177 5.14 -7.93 6.47
C VAL A 177 4.41 -9.05 7.22
N LEU A 178 3.50 -8.65 8.14
CA LEU A 178 2.86 -9.68 8.98
C LEU A 178 1.61 -10.20 8.28
N GLY A 179 1.02 -9.41 7.34
CA GLY A 179 -0.28 -9.77 6.74
C GLY A 179 -1.46 -9.46 7.68
N THR A 180 -1.16 -8.94 8.88
CA THR A 180 -2.25 -8.64 9.82
C THR A 180 -3.19 -7.57 9.26
N VAL A 181 -4.53 -7.77 9.48
CA VAL A 181 -5.52 -6.80 9.04
C VAL A 181 -5.89 -6.11 10.35
N ASN A 182 -5.58 -4.83 10.48
CA ASN A 182 -5.80 -4.17 11.77
C ASN A 182 -7.23 -3.70 11.92
N PRO A 183 -7.72 -3.61 13.20
CA PRO A 183 -9.13 -3.26 13.44
C PRO A 183 -9.40 -1.76 13.34
N ILE A 184 -9.25 -1.24 12.11
CA ILE A 184 -9.24 0.19 11.93
C ILE A 184 -10.54 0.86 12.36
N LYS A 185 -11.69 0.26 12.02
CA LYS A 185 -12.94 0.95 12.40
C LYS A 185 -13.02 1.10 13.94
N GLU A 186 -12.57 0.11 14.70
CA GLU A 186 -12.64 0.27 16.16
C GLU A 186 -11.55 1.19 16.66
N MET A 187 -10.38 1.23 15.98
CA MET A 187 -9.34 2.19 16.37
C MET A 187 -9.75 3.65 16.11
N ALA A 188 -10.55 3.86 15.06
CA ALA A 188 -10.96 5.21 14.76
C ALA A 188 -11.91 5.69 15.88
N LYS A 189 -12.76 4.78 16.37
CA LYS A 189 -13.68 5.19 17.48
C LYS A 189 -12.84 5.60 18.71
N ILE A 190 -11.79 4.83 19.04
CA ILE A 190 -10.94 5.15 20.18
C ILE A 190 -10.21 6.46 19.97
N ALA A 191 -9.69 6.70 18.74
CA ALA A 191 -9.05 7.98 18.49
C ALA A 191 -10.05 9.10 18.72
N HIS A 192 -11.26 8.96 18.10
CA HIS A 192 -12.21 10.06 18.10
C HIS A 192 -12.72 10.32 19.53
N ASP A 193 -12.78 9.26 20.31
CA ASP A 193 -13.25 9.37 21.70
C ASP A 193 -12.26 10.16 22.50
N ASN A 194 -10.99 10.16 22.11
CA ASN A 194 -9.92 10.94 22.74
C ASN A 194 -9.65 12.28 22.10
N GLY A 195 -10.40 12.66 21.05
CA GLY A 195 -10.24 13.95 20.40
C GLY A 195 -9.15 13.96 19.30
N ALA A 196 -8.74 12.78 18.88
CA ALA A 196 -7.66 12.68 17.86
C ALA A 196 -8.27 12.33 16.52
N VAL A 197 -7.51 12.58 15.42
CA VAL A 197 -7.88 12.04 14.11
C VAL A 197 -7.12 10.72 13.88
N ILE A 198 -7.60 9.87 12.92
CA ILE A 198 -6.84 8.66 12.59
C ILE A 198 -6.42 8.75 11.12
N VAL A 199 -5.16 8.37 10.88
CA VAL A 199 -4.63 8.46 9.52
C VAL A 199 -4.37 6.97 9.19
N VAL A 200 -4.95 6.51 8.07
CA VAL A 200 -4.85 5.08 7.76
C VAL A 200 -3.94 4.90 6.52
N ASP A 201 -2.91 4.05 6.69
CA ASP A 201 -2.05 3.76 5.49
C ASP A 201 -2.67 2.52 4.85
N GLY A 202 -3.30 2.74 3.70
CA GLY A 202 -4.07 1.70 3.04
C GLY A 202 -3.31 1.16 1.82
N ALA A 203 -1.98 1.25 1.82
CA ALA A 203 -1.25 0.85 0.57
C ALA A 203 -1.47 -0.65 0.30
N GLN A 204 -1.50 -1.46 1.39
CA GLN A 204 -1.60 -2.92 1.18
C GLN A 204 -3.03 -3.45 1.37
N SER A 205 -4.02 -2.61 1.79
CA SER A 205 -5.36 -3.13 1.85
C SER A 205 -6.15 -2.85 0.56
N THR A 206 -6.02 -1.62 0.01
CA THR A 206 -6.83 -1.16 -1.11
C THR A 206 -6.79 -2.15 -2.30
N PRO A 207 -5.65 -2.78 -2.70
CA PRO A 207 -5.62 -3.61 -3.88
C PRO A 207 -6.43 -4.92 -3.66
N HIS A 208 -6.68 -5.25 -2.37
CA HIS A 208 -6.96 -6.69 -2.08
C HIS A 208 -8.31 -6.85 -1.41
N MET A 209 -8.90 -5.76 -0.90
CA MET A 209 -10.19 -5.90 -0.20
C MET A 209 -10.96 -4.59 -0.37
N LYS A 210 -12.29 -4.68 -0.25
CA LYS A 210 -13.10 -3.47 -0.41
C LYS A 210 -12.77 -2.43 0.65
N ILE A 211 -12.75 -1.15 0.26
CA ILE A 211 -12.50 -0.09 1.23
C ILE A 211 -13.78 0.74 1.28
N ASP A 212 -14.28 1.00 2.49
CA ASP A 212 -15.41 1.95 2.52
C ASP A 212 -15.08 2.96 3.63
N VAL A 213 -14.66 4.18 3.23
CA VAL A 213 -14.12 5.13 4.18
C VAL A 213 -15.26 5.64 5.12
N GLN A 214 -16.52 5.53 4.69
CA GLN A 214 -17.65 6.01 5.53
C GLN A 214 -17.82 4.98 6.64
N ASP A 215 -17.74 3.67 6.33
CA ASP A 215 -17.83 2.65 7.36
C ASP A 215 -16.59 2.65 8.27
N LEU A 216 -15.38 2.86 7.73
CA LEU A 216 -14.19 2.87 8.58
C LEU A 216 -14.18 4.12 9.47
N ASP A 217 -14.77 5.22 8.97
CA ASP A 217 -14.76 6.53 9.58
C ASP A 217 -13.32 7.03 9.77
N CYS A 218 -12.38 6.66 8.82
CA CYS A 218 -11.03 7.17 8.94
C CYS A 218 -10.99 8.67 8.57
N ASP A 219 -10.13 9.47 9.19
CA ASP A 219 -10.03 10.87 8.80
C ASP A 219 -9.17 11.08 7.56
N PHE A 220 -8.15 10.23 7.39
CA PHE A 220 -7.37 10.31 6.14
C PHE A 220 -7.10 8.82 5.79
N PHE A 221 -6.88 8.59 4.47
CA PHE A 221 -6.60 7.24 4.01
C PHE A 221 -5.71 7.42 2.77
N ALA A 222 -4.62 6.65 2.74
CA ALA A 222 -3.64 6.84 1.65
C ALA A 222 -3.46 5.49 0.90
N LEU A 223 -3.25 5.55 -0.46
CA LEU A 223 -3.10 4.31 -1.25
C LEU A 223 -2.25 4.62 -2.48
N SER A 224 -1.70 3.50 -3.05
CA SER A 224 -0.83 3.58 -4.22
C SER A 224 -1.46 2.78 -5.38
N SER A 225 -1.42 3.44 -6.57
CA SER A 225 -1.88 2.79 -7.80
C SER A 225 -1.01 1.56 -8.15
N HIS A 226 0.32 1.64 -7.91
CA HIS A 226 1.12 0.58 -8.53
C HIS A 226 0.91 -0.75 -7.83
N LYS A 227 0.33 -0.72 -6.60
CA LYS A 227 0.05 -2.02 -5.95
C LYS A 227 -1.30 -2.62 -6.36
N MET A 228 -2.13 -1.87 -7.10
CA MET A 228 -3.51 -2.32 -7.37
C MET A 228 -3.79 -2.33 -8.89
N CYS A 229 -2.85 -2.91 -9.65
CA CYS A 229 -2.94 -3.11 -11.10
C CYS A 229 -2.90 -1.77 -11.88
N GLY A 230 -2.49 -0.71 -11.19
CA GLY A 230 -2.53 0.60 -11.90
C GLY A 230 -1.11 1.09 -12.22
N PRO A 231 -0.98 2.23 -12.94
CA PRO A 231 0.36 2.74 -13.35
C PRO A 231 1.18 3.14 -12.12
N THR A 232 2.52 3.13 -12.33
CA THR A 232 3.41 3.66 -11.28
C THR A 232 3.26 5.21 -11.17
N GLY A 233 3.74 5.77 -10.04
CA GLY A 233 3.85 7.25 -9.99
C GLY A 233 2.54 7.90 -9.57
N VAL A 234 1.54 7.10 -9.17
CA VAL A 234 0.26 7.76 -8.81
C VAL A 234 -0.31 7.14 -7.54
N GLY A 235 -0.95 8.00 -6.75
CA GLY A 235 -1.61 7.53 -5.52
C GLY A 235 -2.80 8.48 -5.19
N VAL A 236 -3.40 8.18 -4.02
CA VAL A 236 -4.51 9.07 -3.64
C VAL A 236 -4.31 9.39 -2.18
N LEU A 237 -4.71 10.63 -1.82
CA LEU A 237 -4.95 10.92 -0.43
C LEU A 237 -6.44 11.24 -0.33
N TYR A 238 -7.11 10.43 0.49
CA TYR A 238 -8.48 10.84 0.89
C TYR A 238 -8.40 11.52 2.27
N GLY A 239 -9.17 12.64 2.40
CA GLY A 239 -9.30 13.16 3.76
C GLY A 239 -10.74 13.70 3.90
N LYS A 240 -11.28 13.66 5.13
CA LYS A 240 -12.65 14.20 5.27
C LYS A 240 -12.59 15.66 4.84
N LYS A 241 -13.67 16.08 4.16
CA LYS A 241 -13.64 17.39 3.54
C LYS A 241 -13.40 18.50 4.60
N ALA A 242 -14.00 18.36 5.81
CA ALA A 242 -13.88 19.45 6.77
C ALA A 242 -12.44 19.59 7.27
N LEU A 243 -11.67 18.50 7.29
CA LEU A 243 -10.25 18.63 7.66
C LEU A 243 -9.40 19.21 6.51
N LEU A 244 -9.64 18.75 5.27
CA LEU A 244 -8.87 19.32 4.14
C LEU A 244 -9.15 20.82 3.96
N GLU A 245 -10.38 21.24 4.29
CA GLU A 245 -10.73 22.64 3.98
C GLU A 245 -9.88 23.53 4.87
N ASN A 246 -9.50 23.03 6.05
CA ASN A 246 -8.77 23.87 7.02
C ASN A 246 -7.25 23.66 6.87
N MET A 247 -6.78 22.67 6.09
CA MET A 247 -5.35 22.45 5.94
C MET A 247 -4.82 23.35 4.82
N GLU A 248 -3.59 23.83 4.96
CA GLU A 248 -2.95 24.58 3.90
C GLU A 248 -2.33 23.60 2.88
N PRO A 249 -2.07 24.04 1.64
CA PRO A 249 -1.39 23.21 0.64
C PRO A 249 -0.03 22.76 1.14
N ALA A 250 0.40 21.58 0.63
CA ALA A 250 1.75 21.10 0.91
C ALA A 250 2.72 21.62 -0.17
N GLU A 251 2.22 21.94 -1.38
CA GLU A 251 3.12 22.38 -2.48
C GLU A 251 2.33 23.52 -3.15
N PHE A 252 3.05 24.47 -3.80
CA PHE A 252 2.37 25.68 -4.30
C PHE A 252 2.76 25.88 -5.76
N GLY A 253 1.85 26.42 -6.59
CA GLY A 253 2.26 26.71 -7.98
C GLY A 253 1.01 26.99 -8.81
N GLY A 254 1.13 26.77 -10.12
CA GLY A 254 -0.05 26.96 -10.94
C GLY A 254 -1.12 25.89 -10.66
N GLU A 255 -2.37 26.18 -11.12
CA GLU A 255 -3.47 25.20 -11.06
C GLU A 255 -4.10 25.14 -9.67
N MET A 256 -3.35 25.46 -8.57
CA MET A 256 -3.96 25.32 -7.24
C MET A 256 -4.29 26.71 -6.65
N ILE A 257 -4.11 27.76 -7.47
CA ILE A 257 -4.45 29.12 -7.02
C ILE A 257 -5.76 29.61 -7.59
N ASP A 258 -6.29 30.65 -6.90
CA ASP A 258 -7.34 31.45 -7.47
C ASP A 258 -6.75 32.83 -7.84
N PHE A 259 -6.04 33.52 -6.96
CA PHE A 259 -5.47 34.83 -7.30
C PHE A 259 -4.00 34.80 -6.88
N VAL A 260 -3.11 35.36 -7.72
CA VAL A 260 -1.71 35.47 -7.35
C VAL A 260 -1.34 36.97 -7.46
N GLY A 261 -0.98 37.60 -6.34
CA GLY A 261 -0.37 38.94 -6.39
C GLY A 261 1.15 38.81 -6.20
N LEU A 262 1.83 39.97 -6.14
CA LEU A 262 3.28 39.88 -5.99
C LEU A 262 3.69 39.16 -4.73
N TYR A 263 2.96 39.39 -3.61
CA TYR A 263 3.44 38.84 -2.34
C TYR A 263 2.48 37.83 -1.69
N GLU A 264 1.20 37.81 -2.11
CA GLU A 264 0.22 36.93 -1.48
C GLU A 264 -0.61 36.28 -2.59
N SER A 265 -1.13 35.07 -2.30
CA SER A 265 -1.98 34.34 -3.21
C SER A 265 -3.13 33.72 -2.44
N THR A 266 -4.17 33.35 -3.17
CA THR A 266 -5.27 32.64 -2.53
C THR A 266 -5.45 31.32 -3.29
N TRP A 267 -6.07 30.35 -2.63
CA TRP A 267 -6.01 28.96 -3.14
C TRP A 267 -7.32 28.63 -3.84
N LYS A 268 -7.27 27.64 -4.75
CA LYS A 268 -8.50 27.13 -5.34
C LYS A 268 -9.26 26.28 -4.28
N GLU A 269 -10.53 25.97 -4.58
CA GLU A 269 -11.31 25.04 -3.77
CA GLU A 269 -11.28 25.06 -3.73
C GLU A 269 -10.69 23.64 -3.83
N LEU A 270 -11.21 22.75 -2.97
CA LEU A 270 -10.81 21.34 -3.04
C LEU A 270 -11.43 20.68 -4.25
N PRO A 271 -10.82 19.65 -4.82
CA PRO A 271 -9.54 19.07 -4.34
C PRO A 271 -8.31 19.79 -4.93
N TRP A 272 -8.51 20.67 -5.90
CA TRP A 272 -7.40 21.24 -6.70
C TRP A 272 -6.44 22.09 -5.84
N LYS A 273 -6.91 22.59 -4.68
CA LYS A 273 -6.01 23.24 -3.72
C LYS A 273 -4.74 22.40 -3.47
N PHE A 274 -4.87 21.06 -3.48
CA PHE A 274 -3.76 20.15 -3.17
C PHE A 274 -3.07 19.59 -4.39
N GLU A 275 -3.36 20.09 -5.63
CA GLU A 275 -2.75 19.49 -6.82
C GLU A 275 -2.04 20.64 -7.53
N ALA A 276 -0.75 20.82 -7.24
CA ALA A 276 -0.05 22.00 -7.83
C ALA A 276 0.59 21.50 -9.13
N GLY A 277 0.52 22.34 -10.16
CA GLY A 277 1.17 22.05 -11.44
C GLY A 277 0.41 21.06 -12.32
N THR A 278 1.03 20.75 -13.47
CA THR A 278 0.33 19.83 -14.39
C THR A 278 0.26 18.48 -13.67
N PRO A 279 -0.95 17.87 -13.68
CA PRO A 279 -1.10 16.68 -12.83
C PRO A 279 -0.64 15.42 -13.57
N ILE A 280 -0.84 14.28 -12.86
CA ILE A 280 -0.35 12.97 -13.35
C ILE A 280 -1.45 12.43 -14.30
N ILE A 281 -1.57 13.05 -15.48
CA ILE A 281 -2.86 12.91 -16.20
C ILE A 281 -3.00 11.44 -16.63
N ALA A 282 -1.97 10.92 -17.34
CA ALA A 282 -2.15 9.56 -17.91
C ALA A 282 -2.28 8.54 -16.78
N GLY A 283 -1.43 8.71 -15.77
CA GLY A 283 -1.40 7.74 -14.67
C GLY A 283 -2.77 7.70 -13.95
N ALA A 284 -3.33 8.89 -13.68
CA ALA A 284 -4.59 8.87 -12.96
C ALA A 284 -5.68 8.21 -13.87
N ILE A 285 -5.69 8.48 -15.20
CA ILE A 285 -6.73 7.84 -16.05
C ILE A 285 -6.47 6.33 -16.02
N GLY A 286 -5.20 5.92 -16.04
CA GLY A 286 -4.88 4.47 -15.95
C GLY A 286 -5.30 3.85 -14.59
N LEU A 287 -5.14 4.60 -13.49
CA LEU A 287 -5.66 4.09 -12.20
C LEU A 287 -7.22 3.96 -12.25
N GLY A 288 -7.87 4.89 -12.90
CA GLY A 288 -9.32 4.68 -13.12
C GLY A 288 -9.66 3.38 -13.85
N ALA A 289 -8.90 3.05 -14.92
CA ALA A 289 -9.05 1.78 -15.59
C ALA A 289 -8.74 0.59 -14.70
N ALA A 290 -7.75 0.71 -13.84
CA ALA A 290 -7.46 -0.41 -12.94
C ALA A 290 -8.67 -0.61 -12.02
N ILE A 291 -9.24 0.49 -11.51
CA ILE A 291 -10.40 0.34 -10.63
C ILE A 291 -11.58 -0.29 -11.41
N ASP A 292 -11.81 0.12 -12.65
CA ASP A 292 -12.90 -0.51 -13.39
C ASP A 292 -12.64 -2.01 -13.51
N PHE A 293 -11.40 -2.39 -13.81
CA PHE A 293 -11.00 -3.77 -13.99
C PHE A 293 -11.22 -4.56 -12.67
N LEU A 294 -10.77 -4.01 -11.54
CA LEU A 294 -10.93 -4.76 -10.28
C LEU A 294 -12.43 -4.86 -9.90
N GLU A 295 -13.18 -3.79 -10.17
CA GLU A 295 -14.59 -3.79 -9.79
C GLU A 295 -15.32 -4.81 -10.62
N GLU A 296 -14.92 -5.03 -11.86
CA GLU A 296 -15.61 -5.99 -12.70
C GLU A 296 -15.37 -7.41 -12.16
N ILE A 297 -14.18 -7.68 -11.67
CA ILE A 297 -13.92 -8.98 -11.03
C ILE A 297 -14.62 -9.07 -9.69
N GLY A 298 -14.57 -8.00 -8.89
CA GLY A 298 -15.23 -7.95 -7.55
C GLY A 298 -14.15 -7.99 -6.47
N LEU A 299 -14.03 -6.95 -5.62
CA LEU A 299 -12.99 -6.96 -4.57
C LEU A 299 -13.28 -8.07 -3.54
N ASP A 300 -14.57 -8.35 -3.36
CA ASP A 300 -14.82 -9.44 -2.38
C ASP A 300 -14.38 -10.79 -2.95
N GLU A 301 -14.55 -11.01 -4.29
CA GLU A 301 -14.04 -12.20 -4.96
C GLU A 301 -12.52 -12.27 -4.84
N ILE A 302 -11.87 -11.12 -5.10
CA ILE A 302 -10.40 -11.14 -4.97
C ILE A 302 -9.98 -11.44 -3.52
N SER A 303 -10.66 -10.86 -2.51
CA SER A 303 -10.28 -11.20 -1.13
C SER A 303 -10.51 -12.70 -0.85
N ARG A 304 -11.63 -13.22 -1.37
CA ARG A 304 -11.87 -14.67 -1.12
C ARG A 304 -10.76 -15.54 -1.75
N HIS A 305 -10.29 -15.17 -2.97
CA HIS A 305 -9.25 -15.97 -3.60
C HIS A 305 -7.97 -15.84 -2.78
N GLU A 306 -7.63 -14.63 -2.31
CA GLU A 306 -6.42 -14.51 -1.48
C GLU A 306 -6.57 -15.21 -0.11
N HIS A 307 -7.81 -15.26 0.43
CA HIS A 307 -7.96 -16.03 1.72
C HIS A 307 -7.60 -17.49 1.43
N LYS A 308 -8.05 -17.99 0.29
CA LYS A 308 -7.80 -19.38 -0.06
C LYS A 308 -6.31 -19.61 -0.26
N LEU A 309 -5.64 -18.70 -1.03
CA LEU A 309 -4.19 -18.90 -1.21
C LEU A 309 -3.45 -18.73 0.12
N ALA A 310 -3.85 -17.79 0.99
CA ALA A 310 -3.06 -17.65 2.19
C ALA A 310 -3.25 -18.91 3.09
N ALA A 311 -4.49 -19.39 3.16
CA ALA A 311 -4.69 -20.59 4.04
C ALA A 311 -3.86 -21.78 3.51
N TYR A 312 -3.83 -21.87 2.18
CA TYR A 312 -3.08 -22.95 1.54
C TYR A 312 -1.59 -22.80 1.78
N ALA A 313 -1.11 -21.55 1.60
CA ALA A 313 0.29 -21.35 1.84
C ALA A 313 0.65 -21.61 3.30
N LEU A 314 -0.13 -21.13 4.27
CA LEU A 314 0.35 -21.32 5.66
C LEU A 314 0.38 -22.82 5.96
N GLU A 315 -0.63 -23.56 5.42
CA GLU A 315 -0.58 -25.01 5.68
C GLU A 315 0.69 -25.64 5.08
N ARG A 316 0.99 -25.30 3.79
CA ARG A 316 2.13 -25.92 3.17
C ARG A 316 3.47 -25.48 3.80
N PHE A 317 3.54 -24.22 4.26
CA PHE A 317 4.76 -23.81 4.93
C PHE A 317 4.93 -24.62 6.25
N ARG A 318 3.81 -24.98 6.93
CA ARG A 318 3.95 -25.75 8.16
C ARG A 318 4.40 -27.16 7.85
N GLN A 319 4.39 -27.56 6.58
CA GLN A 319 4.93 -28.86 6.19
C GLN A 319 6.45 -28.81 6.08
N LEU A 320 7.06 -27.62 6.05
CA LEU A 320 8.50 -27.53 5.83
C LEU A 320 9.16 -27.48 7.21
N ASP A 321 10.22 -28.28 7.37
CA ASP A 321 10.97 -28.14 8.60
C ASP A 321 11.97 -26.98 8.49
N GLY A 322 12.25 -26.33 9.59
CA GLY A 322 13.33 -25.35 9.60
C GLY A 322 12.86 -24.02 8.94
N VAL A 323 11.55 -23.80 8.88
CA VAL A 323 11.06 -22.51 8.29
C VAL A 323 10.21 -21.81 9.35
N THR A 324 10.39 -20.49 9.58
CA THR A 324 9.56 -19.74 10.51
C THR A 324 8.72 -18.75 9.67
N VAL A 325 7.43 -18.68 9.92
CA VAL A 325 6.55 -17.68 9.29
C VAL A 325 6.20 -16.68 10.40
N TYR A 326 6.19 -15.35 10.09
CA TYR A 326 5.91 -14.35 11.11
C TYR A 326 4.47 -13.86 10.98
N GLY A 327 3.82 -13.59 12.10
CA GLY A 327 2.52 -12.93 12.07
C GLY A 327 1.38 -13.93 12.34
N PRO A 328 0.12 -13.49 12.21
CA PRO A 328 -1.04 -14.25 12.67
C PRO A 328 -1.55 -15.22 11.64
N GLU A 329 -2.40 -16.13 12.13
CA GLU A 329 -2.99 -17.12 11.25
C GLU A 329 -4.01 -16.45 10.32
N GLU A 330 -4.88 -15.56 10.84
CA GLU A 330 -5.84 -14.90 9.94
C GLU A 330 -5.11 -13.70 9.33
N ARG A 331 -5.09 -13.62 7.99
CA ARG A 331 -4.12 -12.62 7.41
C ARG A 331 -4.55 -12.36 5.98
N ALA A 332 -3.99 -11.28 5.42
CA ALA A 332 -4.02 -10.96 3.99
C ALA A 332 -3.15 -11.97 3.20
N GLY A 333 -3.04 -11.76 1.88
CA GLY A 333 -2.41 -12.71 0.96
C GLY A 333 -0.89 -12.52 0.85
N LEU A 334 -0.16 -12.79 1.97
CA LEU A 334 1.29 -12.75 1.90
C LEU A 334 1.88 -13.57 3.05
N VAL A 335 3.12 -14.02 2.87
CA VAL A 335 3.76 -14.82 3.90
C VAL A 335 5.23 -14.35 3.95
N THR A 336 5.60 -13.83 5.13
CA THR A 336 7.00 -13.44 5.31
C THR A 336 7.64 -14.47 6.25
N PHE A 337 8.88 -14.86 5.92
CA PHE A 337 9.37 -16.07 6.58
C PHE A 337 10.91 -16.01 6.63
N ASN A 338 11.57 -17.01 7.30
CA ASN A 338 13.00 -17.20 7.09
C ASN A 338 13.23 -18.71 7.11
N LEU A 339 14.24 -19.15 6.37
CA LEU A 339 14.73 -20.54 6.55
C LEU A 339 15.86 -20.56 7.60
N ASP A 340 15.81 -21.51 8.56
CA ASP A 340 16.86 -21.62 9.59
C ASP A 340 18.22 -21.64 8.93
N ASP A 341 19.14 -20.80 9.37
CA ASP A 341 20.47 -20.93 8.77
C ASP A 341 20.56 -20.66 7.26
N VAL A 342 19.59 -20.04 6.56
CA VAL A 342 19.95 -19.54 5.23
C VAL A 342 19.57 -18.05 5.25
N HIS A 343 20.45 -17.16 4.77
CA HIS A 343 20.10 -15.74 4.72
C HIS A 343 18.98 -15.57 3.68
N PRO A 344 17.94 -14.74 3.99
CA PRO A 344 16.83 -14.60 3.05
C PRO A 344 17.27 -14.06 1.69
N HIS A 345 18.34 -13.20 1.61
CA HIS A 345 18.77 -12.80 0.27
C HIS A 345 19.24 -13.97 -0.57
N ASP A 346 19.88 -14.97 0.05
CA ASP A 346 20.29 -16.15 -0.68
C ASP A 346 19.06 -17.02 -1.02
N VAL A 347 18.07 -17.10 -0.12
CA VAL A 347 16.80 -17.77 -0.49
C VAL A 347 16.24 -17.08 -1.75
N ALA A 348 16.16 -15.74 -1.75
CA ALA A 348 15.52 -15.10 -2.92
C ALA A 348 16.30 -15.30 -4.23
N THR A 349 17.65 -15.29 -4.15
CA THR A 349 18.59 -15.51 -5.27
C THR A 349 18.35 -16.91 -5.86
N VAL A 350 18.31 -17.89 -4.99
CA VAL A 350 18.14 -19.25 -5.49
C VAL A 350 16.72 -19.45 -6.05
N LEU A 351 15.67 -18.84 -5.43
CA LEU A 351 14.33 -19.00 -5.98
C LEU A 351 14.25 -18.36 -7.39
N ASP A 352 14.96 -17.24 -7.59
CA ASP A 352 14.89 -16.59 -8.92
C ASP A 352 15.59 -17.44 -9.98
N ALA A 353 16.57 -18.28 -9.57
CA ALA A 353 17.12 -19.25 -10.49
C ALA A 353 16.10 -20.31 -10.91
N GLU A 354 14.99 -20.49 -10.15
CA GLU A 354 13.94 -21.45 -10.54
C GLU A 354 12.71 -20.65 -11.07
N GLY A 355 12.95 -19.39 -11.42
CA GLY A 355 11.91 -18.60 -12.06
C GLY A 355 11.03 -17.85 -11.02
N ILE A 356 11.27 -18.03 -9.71
CA ILE A 356 10.33 -17.53 -8.70
C ILE A 356 10.82 -16.21 -8.16
N ALA A 357 9.89 -15.21 -8.15
CA ALA A 357 10.27 -13.87 -7.72
C ALA A 357 9.66 -13.59 -6.33
N VAL A 358 10.50 -13.40 -5.32
CA VAL A 358 10.01 -13.01 -3.99
C VAL A 358 10.91 -11.85 -3.55
N ARG A 359 10.73 -11.32 -2.37
CA ARG A 359 11.54 -10.14 -1.96
C ARG A 359 12.28 -10.48 -0.68
N ALA A 360 13.49 -9.92 -0.48
CA ALA A 360 14.19 -10.21 0.77
C ALA A 360 14.61 -8.88 1.34
N GLY A 361 14.71 -8.77 2.67
CA GLY A 361 15.20 -7.50 3.24
C GLY A 361 14.34 -7.14 4.47
N HIS A 362 14.19 -5.83 4.75
CA HIS A 362 13.39 -5.46 5.89
C HIS A 362 12.01 -4.94 5.46
N HIS A 363 11.77 -4.85 4.13
CA HIS A 363 10.46 -4.44 3.62
C HIS A 363 10.07 -3.10 4.21
N CYS A 364 11.07 -2.19 4.39
CA CYS A 364 10.79 -0.84 4.87
C CYS A 364 10.11 -0.87 6.23
N ALA A 365 10.49 -1.85 7.08
CA ALA A 365 9.88 -1.88 8.40
C ALA A 365 11.00 -2.31 9.40
N GLN A 366 11.98 -1.41 9.61
CA GLN A 366 13.15 -1.83 10.43
C GLN A 366 12.74 -1.99 11.89
N PRO A 367 11.89 -1.11 12.50
CA PRO A 367 11.50 -1.31 13.88
C PRO A 367 10.75 -2.64 13.99
N LEU A 368 9.98 -3.04 12.97
CA LEU A 368 9.31 -4.35 13.13
C LEU A 368 10.33 -5.49 13.07
N MET A 369 11.33 -5.40 12.19
CA MET A 369 12.30 -6.48 12.13
C MET A 369 12.97 -6.59 13.51
N LYS A 370 13.23 -5.44 14.11
CA LYS A 370 13.86 -5.52 15.44
C LYS A 370 12.94 -6.21 16.46
N TRP A 371 11.64 -5.86 16.44
CA TRP A 371 10.63 -6.53 17.23
C TRP A 371 10.62 -8.03 16.98
N LEU A 372 10.81 -8.45 15.71
CA LEU A 372 10.78 -9.86 15.37
C LEU A 372 12.12 -10.51 15.76
N ASP A 373 13.13 -9.73 16.16
CA ASP A 373 14.48 -10.17 16.50
C ASP A 373 15.16 -10.78 15.27
N VAL A 374 14.99 -10.22 14.04
CA VAL A 374 15.70 -10.66 12.86
C VAL A 374 16.32 -9.44 12.17
N THR A 375 17.27 -9.70 11.29
CA THR A 375 17.82 -8.54 10.59
C THR A 375 17.20 -8.45 9.18
N ALA A 376 16.62 -9.53 8.67
CA ALA A 376 15.95 -9.48 7.37
C ALA A 376 15.05 -10.72 7.26
N THR A 377 14.13 -10.73 6.28
CA THR A 377 13.16 -11.82 6.07
C THR A 377 12.95 -11.94 4.57
N ALA A 378 12.37 -13.06 4.16
CA ALA A 378 11.96 -13.24 2.77
C ALA A 378 10.42 -13.12 2.76
N ARG A 379 9.85 -12.65 1.62
CA ARG A 379 8.39 -12.50 1.62
C ARG A 379 7.90 -12.97 0.23
N ALA A 380 6.91 -13.85 0.24
CA ALA A 380 6.13 -14.16 -0.97
C ALA A 380 4.72 -13.56 -0.79
N SER A 381 4.28 -12.81 -1.80
CA SER A 381 2.97 -12.15 -1.64
C SER A 381 2.16 -12.42 -2.88
N PHE A 382 0.83 -12.49 -2.73
CA PHE A 382 -0.02 -13.03 -3.76
C PHE A 382 -1.01 -11.96 -4.27
N TYR A 383 -1.59 -12.21 -5.46
CA TYR A 383 -2.67 -11.31 -5.88
C TYR A 383 -3.55 -12.15 -6.79
N LEU A 384 -4.43 -11.50 -7.53
CA LEU A 384 -5.57 -12.13 -8.20
C LEU A 384 -5.14 -13.04 -9.35
N TYR A 385 -3.88 -12.94 -9.81
CA TYR A 385 -3.46 -13.77 -10.90
C TYR A 385 -2.60 -14.97 -10.39
N ASN A 386 -2.46 -15.14 -9.06
CA ASN A 386 -1.62 -16.26 -8.57
C ASN A 386 -2.51 -17.48 -8.25
N THR A 387 -1.81 -18.62 -8.20
CA THR A 387 -2.55 -19.90 -8.10
C THR A 387 -1.89 -20.79 -7.04
N GLU A 388 -2.64 -21.84 -6.61
CA GLU A 388 -2.03 -22.77 -5.65
C GLU A 388 -0.90 -23.56 -6.28
N GLU A 389 -0.89 -23.74 -7.62
CA GLU A 389 0.24 -24.43 -8.21
C GLU A 389 1.53 -23.59 -8.02
N GLU A 390 1.38 -22.25 -8.06
CA GLU A 390 2.57 -21.41 -7.83
C GLU A 390 3.07 -21.53 -6.36
N ILE A 391 2.11 -21.65 -5.42
CA ILE A 391 2.54 -21.87 -4.05
C ILE A 391 3.24 -23.23 -3.98
N ASP A 392 2.69 -24.23 -4.66
CA ASP A 392 3.42 -25.52 -4.61
C ASP A 392 4.86 -25.36 -5.13
N LYS A 393 5.02 -24.66 -6.25
CA LYS A 393 6.37 -24.43 -6.71
C LYS A 393 7.28 -23.71 -5.70
N LEU A 394 6.72 -22.75 -4.98
CA LEU A 394 7.49 -22.05 -3.97
C LEU A 394 7.89 -23.04 -2.86
N VAL A 395 6.93 -23.83 -2.32
CA VAL A 395 7.30 -24.64 -1.16
C VAL A 395 8.26 -25.77 -1.61
N GLU A 396 8.10 -26.24 -2.84
CA GLU A 396 9.05 -27.26 -3.30
C GLU A 396 10.46 -26.67 -3.45
N ALA A 397 10.54 -25.43 -3.94
CA ALA A 397 11.84 -24.80 -4.09
C ALA A 397 12.46 -24.49 -2.72
N LEU A 398 11.65 -24.11 -1.73
CA LEU A 398 12.23 -23.85 -0.42
C LEU A 398 12.76 -25.17 0.14
N GLN A 399 12.04 -26.30 -0.11
CA GLN A 399 12.55 -27.58 0.39
C GLN A 399 13.93 -27.87 -0.22
N LYS A 400 14.01 -27.66 -1.54
CA LYS A 400 15.25 -27.91 -2.27
C LYS A 400 16.37 -26.97 -1.82
N THR A 401 16.03 -25.69 -1.55
CA THR A 401 16.98 -24.72 -1.05
C THR A 401 17.56 -25.19 0.28
N LYS A 402 16.66 -25.64 1.15
CA LYS A 402 17.10 -26.17 2.45
C LYS A 402 18.06 -27.34 2.25
N GLU A 403 17.70 -28.29 1.40
CA GLU A 403 18.58 -29.44 1.19
C GLU A 403 19.91 -28.99 0.59
N TYR A 404 19.84 -28.11 -0.41
CA TYR A 404 21.02 -27.60 -1.09
C TYR A 404 21.98 -26.98 -0.08
N PHE A 405 21.49 -26.08 0.81
CA PHE A 405 22.42 -25.39 1.72
C PHE A 405 22.94 -26.35 2.79
N THR A 406 22.11 -27.31 3.23
CA THR A 406 22.50 -28.42 4.09
C THR A 406 23.65 -29.18 3.44
N ASN A 407 23.48 -29.55 2.15
CA ASN A 407 24.45 -30.38 1.46
C ASN A 407 25.75 -29.62 1.24
N VAL A 408 25.69 -28.33 0.82
CA VAL A 408 26.96 -27.64 0.68
C VAL A 408 27.66 -27.52 2.04
N PHE A 409 26.90 -27.24 3.13
CA PHE A 409 27.52 -27.13 4.45
C PHE A 409 28.17 -28.47 4.84
N VAL A 410 27.46 -29.60 4.69
CA VAL A 410 27.98 -30.91 5.12
C VAL A 410 29.28 -31.21 4.37
N ASP A 411 29.25 -30.94 3.07
CA ASP A 411 30.37 -31.15 2.17
C ASP A 411 31.56 -30.29 2.62
N LEU A 412 31.28 -29.00 2.93
CA LEU A 412 32.32 -28.03 3.28
C LEU A 412 33.01 -28.45 4.59
N GLU A 413 32.20 -28.86 5.58
CA GLU A 413 32.62 -29.30 6.92
C GLU A 413 33.49 -30.55 6.82
N HIS A 414 33.12 -31.48 5.92
CA HIS A 414 33.90 -32.68 5.68
C HIS A 414 35.24 -32.32 5.01
N HIS A 415 35.23 -31.33 4.11
CA HIS A 415 36.44 -30.87 3.41
C HIS A 415 37.50 -30.35 4.38
N HIS A 416 37.10 -29.55 5.39
CA HIS A 416 38.02 -28.81 6.27
C HIS A 416 38.42 -29.58 7.55
OAO 9PV B . 4.68 5.00 -1.62
PAN 9PV B . 4.64 3.49 -1.92
OAP 9PV B . 6.06 2.94 -1.98
OAQ 9PV B . 3.75 3.12 -3.05
OAM 9PV B . 3.91 2.77 -0.59
CAL 9PV B . 4.67 2.82 0.67
CAA 9PV B . 3.99 1.77 1.50
CAB 9PV B . 3.26 2.18 2.56
NAC 9PV B . 2.66 1.25 3.45
CAD 9PV B . 2.63 -0.05 3.17
CAG 9PV B . 1.89 -0.93 4.14
CAE 9PV B . 3.36 -0.50 2.08
OAH 9PV B . 3.35 -1.79 1.80
CAF 9PV B . 4.04 0.38 1.20
CAI 9PV B . 4.84 -0.10 0.12
N 9PV B . 5.66 -1.21 0.55
CA 9PV B . 6.76 -1.83 -0.15
C 9PV B . 6.77 -3.36 -0.03
O 9PV B . 6.10 -3.86 0.85
OXT 9PV B . 7.49 -3.99 -0.80
CB 9PV B . 6.97 -1.45 -1.63
SG 9PV B . 5.31 -1.04 -2.17
C1 EDO C . -9.07 -10.08 4.48
O1 EDO C . -8.83 -10.54 5.82
C2 EDO C . -10.09 -9.01 4.45
O2 EDO C . -11.36 -9.25 3.87
C1 PEG D . -7.86 23.57 -12.54
O1 PEG D . -7.38 24.86 -12.44
C2 PEG D . -8.76 23.25 -11.46
O2 PEG D . -10.11 23.50 -11.83
C3 PEG D . -10.82 24.13 -10.78
C4 PEG D . -12.07 24.78 -11.24
O4 PEG D . -12.35 25.95 -10.48
C1 PEG E . -10.99 9.49 -27.46
O1 PEG E . -12.11 8.93 -28.10
C2 PEG E . -11.35 10.28 -26.24
O2 PEG E . -12.03 9.47 -25.28
C3 PEG E . -11.27 8.34 -24.85
C4 PEG E . -11.86 7.80 -23.59
O4 PEG E . -11.89 6.39 -23.56
C1 PEG F . -4.06 6.99 -33.03
O1 PEG F . -4.22 5.58 -32.93
C2 PEG F . -4.82 7.56 -34.14
O2 PEG F . -5.53 8.71 -33.69
C3 PEG F . -6.93 8.59 -33.93
C4 PEG F . -7.68 9.27 -32.84
O4 PEG F . -9.04 8.91 -32.84
C1 PEG G . -8.84 1.04 -24.63
O1 PEG G . -9.15 0.95 -26.02
C2 PEG G . -8.84 -0.28 -23.97
O2 PEG G . -9.05 -0.13 -22.58
C3 PEG G . -10.42 -0.16 -22.22
C4 PEG G . -10.61 -1.04 -21.04
O4 PEG G . -11.58 -2.03 -21.28
C1 PEG H . 18.05 -12.35 9.62
O1 PEG H . 18.20 -12.57 11.03
C2 PEG H . 18.21 -13.57 8.76
O2 PEG H . 18.37 -14.74 9.55
C3 PEG H . 18.80 -15.89 8.81
C4 PEG H . 17.74 -16.97 8.84
O4 PEG H . 17.13 -17.11 10.14
C1 PEG I . 21.04 -24.14 -6.32
O1 PEG I . 21.09 -25.28 -7.15
C2 PEG I . 20.05 -24.30 -5.21
O2 PEG I . 18.92 -25.06 -5.63
C3 PEG I . 17.77 -24.84 -4.82
C4 PEG I . 16.50 -24.78 -5.62
O4 PEG I . 16.10 -26.06 -6.08
C1 PEG J . -12.79 -8.45 -17.68
O1 PEG J . -11.48 -7.86 -17.74
C2 PEG J . -12.92 -9.38 -16.51
O2 PEG J . -11.91 -10.38 -16.52
C3 PEG J . -12.37 -11.61 -15.97
C4 PEG J . -11.79 -12.77 -16.70
O4 PEG J . -12.09 -12.74 -18.10
C1 PGE K . -5.83 -22.10 -12.71
O1 PGE K . -5.85 -23.06 -11.65
C2 PGE K . -4.61 -22.26 -13.55
O2 PGE K . -4.52 -21.16 -14.44
C3 PGE K . -3.25 -21.06 -15.06
C4 PGE K . -2.18 -21.00 -14.00
O4 PGE K . -0.34 -21.97 -11.97
C6 PGE K . 0.20 -20.89 -12.65
C5 PGE K . 0.21 -21.06 -14.11
O3 PGE K . -1.02 -21.57 -14.57
#